data_2FVH
#
_entry.id   2FVH
#
_cell.length_a   109.988
_cell.length_b   109.988
_cell.length_c   40.873
_cell.angle_alpha   90.00
_cell.angle_beta   90.00
_cell.angle_gamma   120.00
#
_symmetry.space_group_name_H-M   'P 6'
#
loop_
_entity.id
_entity.type
_entity.pdbx_description
1 polymer 'Urease gamma subunit'
2 water water
#
_entity_poly.entity_id   1
_entity_poly.type   'polypeptide(L)'
_entity_poly.pdbx_seq_one_letter_code
;MGSSHHHHHHSSGLVPAGSHMRLTPHEQERLLLSYAAELARRRRARGLRLNHPEAIAVIADHILEGARDGRTVAELMASG
REVLGRDDVMEGVPEMLAEVQVEATFPDGTKLVTVHQPIA
;
_entity_poly.pdbx_strand_id   A,B,C
#
# COMPACT_ATOMS: atom_id res chain seq x y z
N ARG A 22 -2.46 -16.73 2.44
CA ARG A 22 -1.11 -16.91 3.06
C ARG A 22 -0.95 -16.05 4.32
N LEU A 23 -1.82 -15.06 4.47
CA LEU A 23 -1.78 -14.15 5.62
C LEU A 23 -2.98 -14.32 6.56
N THR A 24 -2.68 -14.35 7.85
CA THR A 24 -3.71 -14.39 8.86
C THR A 24 -4.43 -13.04 8.92
N PRO A 25 -5.65 -13.00 9.49
CA PRO A 25 -6.29 -11.72 9.72
C PRO A 25 -5.35 -10.70 10.33
N HIS A 26 -4.61 -11.08 11.38
CA HIS A 26 -3.71 -10.19 12.10
C HIS A 26 -2.57 -9.66 11.23
N GLU A 27 -1.98 -10.54 10.42
CA GLU A 27 -0.93 -10.16 9.45
C GLU A 27 -1.49 -9.20 8.41
N GLN A 28 -2.69 -9.51 7.89
CA GLN A 28 -3.36 -8.60 6.95
C GLN A 28 -3.57 -7.23 7.57
N GLU A 29 -4.04 -7.20 8.83
CA GLU A 29 -4.28 -5.94 9.51
C GLU A 29 -2.99 -5.17 9.68
N ARG A 30 -1.91 -5.86 10.02
CA ARG A 30 -0.64 -5.17 10.24
C ARG A 30 -0.08 -4.55 8.94
N LEU A 31 -0.21 -5.28 7.85
CA LEU A 31 0.19 -4.78 6.54
C LEU A 31 -0.65 -3.57 6.13
N LEU A 32 -1.94 -3.64 6.39
CA LEU A 32 -2.83 -2.51 6.08
C LEU A 32 -2.57 -1.30 6.96
N LEU A 33 -2.23 -1.51 8.23
CA LEU A 33 -1.86 -0.36 9.07
C LEU A 33 -0.55 0.27 8.56
N SER A 34 0.38 -0.57 8.08
CA SER A 34 1.59 -0.05 7.49
C SER A 34 1.26 0.80 6.25
N TYR A 35 0.38 0.29 5.41
CA TYR A 35 -0.08 1.09 4.25
C TYR A 35 -0.77 2.38 4.68
N ALA A 36 -1.61 2.34 5.70
CA ALA A 36 -2.26 3.55 6.21
C ALA A 36 -1.23 4.67 6.50
N ALA A 37 -0.07 4.28 7.02
CA ALA A 37 0.99 5.25 7.29
C ALA A 37 1.55 5.80 6.00
N GLU A 38 1.69 4.98 4.97
CA GLU A 38 2.20 5.43 3.68
C GLU A 38 1.20 6.44 3.11
N LEU A 39 -0.07 6.11 3.23
CA LEU A 39 -1.13 7.04 2.79
C LEU A 39 -1.08 8.30 3.63
N ALA A 40 -0.89 8.19 4.94
CA ALA A 40 -0.80 9.43 5.78
C ALA A 40 0.39 10.28 5.34
N ARG A 41 1.53 9.65 5.05
CA ARG A 41 2.70 10.39 4.52
C ARG A 41 2.44 11.10 3.23
N ARG A 42 1.65 10.47 2.35
CA ARG A 42 1.24 11.06 1.10
C ARG A 42 0.37 12.27 1.34
N ARG A 43 -0.59 12.14 2.28
CA ARG A 43 -1.46 13.28 2.67
C ARG A 43 -0.65 14.40 3.22
N ARG A 44 0.26 14.10 4.14
CA ARG A 44 1.16 15.15 4.66
C ARG A 44 1.95 15.85 3.56
N ALA A 45 2.51 15.06 2.62
CA ALA A 45 3.32 15.58 1.51
C ALA A 45 2.55 16.55 0.63
N ARG A 46 1.23 16.39 0.58
CA ARG A 46 0.47 17.32 -0.23
C ARG A 46 -0.04 18.54 0.54
N GLY A 47 0.33 18.60 1.81
CA GLY A 47 0.01 19.77 2.60
C GLY A 47 -1.07 19.60 3.64
N LEU A 48 -1.51 18.36 3.88
CA LEU A 48 -2.51 18.10 4.92
C LEU A 48 -1.88 17.95 6.28
N ARG A 49 -2.54 18.50 7.29
CA ARG A 49 -2.20 18.16 8.68
C ARG A 49 -2.96 16.92 9.04
N LEU A 50 -2.29 16.00 9.71
CA LEU A 50 -2.87 14.65 9.91
C LEU A 50 -3.94 14.68 10.97
N ASN A 51 -4.93 13.80 10.80
CA ASN A 51 -5.91 13.63 11.85
C ASN A 51 -5.49 12.53 12.84
N HIS A 52 -6.36 12.24 13.82
CA HIS A 52 -5.98 11.29 14.88
C HIS A 52 -5.62 9.89 14.36
N PRO A 53 -6.49 9.26 13.54
CA PRO A 53 -6.08 7.95 13.06
C PRO A 53 -4.85 7.94 12.16
N GLU A 54 -4.69 8.97 11.34
CA GLU A 54 -3.48 9.05 10.49
C GLU A 54 -2.21 9.16 11.36
N ALA A 55 -2.31 9.95 12.41
CA ALA A 55 -1.15 10.12 13.32
C ALA A 55 -0.83 8.78 14.00
N ILE A 56 -1.86 8.08 14.43
CA ILE A 56 -1.66 6.77 15.03
C ILE A 56 -0.94 5.86 14.07
N ALA A 57 -1.41 5.80 12.80
CA ALA A 57 -0.71 4.99 11.81
C ALA A 57 0.78 5.33 11.64
N VAL A 58 1.09 6.62 11.52
CA VAL A 58 2.45 7.06 11.38
C VAL A 58 3.30 6.59 12.58
N ILE A 59 2.81 6.85 13.80
CA ILE A 59 3.59 6.45 14.99
C ILE A 59 3.72 4.93 15.08
N ALA A 60 2.63 4.23 14.77
CA ALA A 60 2.67 2.76 14.70
C ALA A 60 3.70 2.26 13.71
N ASP A 61 3.72 2.85 12.51
CA ASP A 61 4.68 2.51 11.45
C ASP A 61 6.11 2.73 11.97
N HIS A 62 6.35 3.84 12.67
CA HIS A 62 7.66 4.12 13.21
C HIS A 62 8.14 2.98 14.09
N ILE A 63 7.25 2.51 14.94
CA ILE A 63 7.55 1.40 15.87
C ILE A 63 7.80 0.12 15.10
N LEU A 64 6.90 -0.20 14.16
CA LEU A 64 6.97 -1.46 13.46
C LEU A 64 8.22 -1.49 12.66
N GLU A 65 8.50 -0.40 11.95
CA GLU A 65 9.73 -0.39 11.15
C GLU A 65 11.00 -0.37 11.99
N GLY A 66 10.97 0.34 13.13
CA GLY A 66 12.10 0.36 14.05
C GLY A 66 12.37 -1.00 14.60
N ALA A 67 11.31 -1.72 14.97
CA ALA A 67 11.44 -3.12 15.44
C ALA A 67 12.11 -3.97 14.39
N ARG A 68 11.63 -3.88 13.13
CA ARG A 68 12.22 -4.65 12.01
C ARG A 68 13.74 -4.35 11.87
N ASP A 69 14.08 -3.07 12.08
CA ASP A 69 15.47 -2.55 12.03
C ASP A 69 16.32 -3.06 13.17
N GLY A 70 15.68 -3.64 14.18
CA GLY A 70 16.42 -4.10 15.38
C GLY A 70 16.75 -3.01 16.36
N ARG A 71 15.98 -1.91 16.31
CA ARG A 71 16.07 -0.87 17.36
C ARG A 71 15.49 -1.44 18.66
N THR A 72 15.83 -0.84 19.79
CA THR A 72 15.42 -1.36 21.09
C THR A 72 14.09 -0.76 21.44
N VAL A 73 13.32 -1.43 22.30
CA VAL A 73 12.06 -0.83 22.76
C VAL A 73 12.24 0.57 23.32
N ALA A 74 13.30 0.78 24.10
CA ALA A 74 13.46 2.11 24.73
C ALA A 74 13.82 3.17 23.70
N GLU A 75 14.62 2.80 22.71
CA GLU A 75 14.95 3.70 21.60
C GLU A 75 13.66 4.17 20.93
N LEU A 76 12.78 3.21 20.65
CA LEU A 76 11.56 3.51 19.89
C LEU A 76 10.57 4.29 20.73
N MET A 77 10.55 4.02 22.02
CA MET A 77 9.65 4.79 22.86
C MET A 77 10.07 6.24 22.92
N ALA A 78 11.36 6.51 22.76
CA ALA A 78 11.85 7.87 22.73
C ALA A 78 11.67 8.46 21.33
N SER A 79 12.16 7.78 20.31
CA SER A 79 12.08 8.35 18.96
C SER A 79 10.63 8.46 18.44
N GLY A 80 9.74 7.60 18.95
CA GLY A 80 8.31 7.65 18.62
C GLY A 80 7.69 8.98 19.05
N ARG A 81 8.29 9.64 20.06
CA ARG A 81 7.85 10.96 20.49
C ARG A 81 8.36 12.13 19.67
N GLU A 82 9.08 11.84 18.63
CA GLU A 82 9.75 12.89 17.87
C GLU A 82 9.41 12.73 16.38
N VAL A 83 8.52 11.81 16.07
CA VAL A 83 8.14 11.59 14.66
C VAL A 83 7.21 12.67 14.12
N LEU A 84 6.26 13.08 14.94
CA LEU A 84 5.25 14.07 14.54
C LEU A 84 5.31 15.18 15.53
N GLY A 85 5.31 16.42 15.03
CA GLY A 85 5.14 17.55 15.93
C GLY A 85 3.75 18.14 15.87
N ARG A 86 3.53 19.19 16.68
CA ARG A 86 2.21 19.83 16.70
C ARG A 86 1.86 20.35 15.32
N ASP A 87 2.84 20.80 14.54
CA ASP A 87 2.51 21.31 13.21
C ASP A 87 2.01 20.24 12.23
N ASP A 88 2.43 19.00 12.45
CA ASP A 88 2.17 17.88 11.54
C ASP A 88 0.74 17.36 11.61
N VAL A 89 0.04 17.71 12.70
CA VAL A 89 -1.32 17.20 12.94
C VAL A 89 -2.29 18.34 13.13
N MET A 90 -3.57 18.06 12.95
CA MET A 90 -4.59 19.07 13.06
C MET A 90 -4.64 19.61 14.49
N GLU A 91 -5.15 20.83 14.61
CA GLU A 91 -5.36 21.40 15.94
C GLU A 91 -6.21 20.45 16.80
N GLY A 92 -5.80 20.29 18.05
CA GLY A 92 -6.41 19.37 19.00
C GLY A 92 -6.01 17.91 18.88
N VAL A 93 -5.30 17.50 17.81
CA VAL A 93 -4.86 16.13 17.71
C VAL A 93 -3.76 15.75 18.70
N PRO A 94 -2.81 16.66 18.96
CA PRO A 94 -1.76 16.25 19.95
C PRO A 94 -2.34 15.84 21.30
N GLU A 95 -3.37 16.55 21.73
CA GLU A 95 -4.03 16.21 22.99
C GLU A 95 -4.85 14.94 22.94
N MET A 96 -5.31 14.57 21.75
CA MET A 96 -6.05 13.30 21.59
C MET A 96 -5.11 12.10 21.70
N LEU A 97 -3.84 12.31 21.44
CA LEU A 97 -2.95 11.17 21.36
C LEU A 97 -2.25 10.95 22.66
N ALA A 98 -2.91 10.29 23.60
CA ALA A 98 -2.29 10.05 24.90
C ALA A 98 -1.18 8.98 24.76
N GLU A 99 -1.41 8.01 23.89
CA GLU A 99 -0.47 6.91 23.72
C GLU A 99 -0.75 6.22 22.42
N VAL A 100 0.25 5.54 21.90
CA VAL A 100 0.04 4.73 20.73
C VAL A 100 0.66 3.38 21.10
N GLN A 101 -0.11 2.30 21.01
CA GLN A 101 0.34 0.99 21.43
C GLN A 101 0.31 0.04 20.22
N VAL A 102 1.41 -0.67 20.02
CA VAL A 102 1.51 -1.58 18.86
C VAL A 102 2.30 -2.80 19.30
N GLU A 103 1.86 -3.99 18.87
CA GLU A 103 2.68 -5.18 19.08
C GLU A 103 3.66 -5.26 17.93
N ALA A 104 4.94 -5.44 18.24
CA ALA A 104 5.96 -5.48 17.19
C ALA A 104 6.93 -6.61 17.47
N THR A 105 7.46 -7.24 16.41
CA THR A 105 8.40 -8.34 16.62
C THR A 105 9.82 -7.82 16.40
N PHE A 106 10.62 -8.00 17.43
CA PHE A 106 11.97 -7.51 17.44
C PHE A 106 12.80 -8.73 17.07
N PRO A 107 14.13 -8.56 16.94
CA PRO A 107 14.95 -9.78 16.88
C PRO A 107 14.72 -10.76 18.04
N ASP A 108 14.47 -10.25 19.25
CA ASP A 108 14.26 -11.12 20.43
C ASP A 108 12.80 -11.44 20.70
N GLY A 109 11.95 -11.19 19.70
CA GLY A 109 10.56 -11.59 19.76
C GLY A 109 9.58 -10.44 19.95
N THR A 110 8.34 -10.83 20.17
CA THR A 110 7.22 -9.92 20.16
C THR A 110 7.04 -9.22 21.49
N LYS A 111 6.70 -7.94 21.41
CA LYS A 111 6.56 -7.06 22.56
C LYS A 111 5.49 -6.06 22.25
N LEU A 112 4.71 -5.71 23.26
CA LEU A 112 3.81 -4.60 23.15
C LEU A 112 4.70 -3.35 23.33
N VAL A 113 4.57 -2.38 22.43
CA VAL A 113 5.37 -1.18 22.59
C VAL A 113 4.36 -0.03 22.71
N THR A 114 4.56 0.85 23.67
CA THR A 114 3.63 1.94 23.83
C THR A 114 4.49 3.20 23.78
N VAL A 115 4.13 4.11 22.89
CA VAL A 115 4.75 5.43 22.79
C VAL A 115 3.79 6.36 23.55
N HIS A 116 4.35 6.98 24.57
CA HIS A 116 3.55 7.80 25.46
C HIS A 116 3.61 9.25 25.03
N GLN A 117 2.44 9.92 25.03
CA GLN A 117 2.29 11.36 24.65
C GLN A 117 3.18 11.71 23.44
N PRO A 118 2.91 11.08 22.28
CA PRO A 118 3.88 11.18 21.17
C PRO A 118 4.02 12.57 20.60
N ILE A 119 3.02 13.43 20.86
CA ILE A 119 3.10 14.78 20.28
C ILE A 119 3.06 15.87 21.32
N ALA A 120 1.99 15.95 22.08
CA ALA A 120 1.88 16.87 23.24
C ALA A 120 0.43 17.18 23.56
N ARG B 22 -13.37 -8.20 -9.38
CA ARG B 22 -13.86 -7.91 -7.99
C ARG B 22 -12.76 -8.14 -6.94
N LEU B 23 -12.95 -7.52 -5.78
CA LEU B 23 -12.19 -7.88 -4.60
C LEU B 23 -12.61 -9.19 -3.97
N THR B 24 -12.30 -10.24 -4.71
CA THR B 24 -12.32 -11.61 -4.21
C THR B 24 -11.20 -11.73 -3.18
N PRO B 25 -11.33 -12.69 -2.23
CA PRO B 25 -10.15 -13.03 -1.43
C PRO B 25 -8.85 -13.13 -2.25
N HIS B 26 -8.92 -13.61 -3.49
CA HIS B 26 -7.71 -13.69 -4.34
C HIS B 26 -7.18 -12.31 -4.69
N GLU B 27 -8.09 -11.36 -4.89
CA GLU B 27 -7.69 -10.01 -5.29
C GLU B 27 -7.11 -9.24 -4.11
N GLN B 28 -7.76 -9.34 -2.97
CA GLN B 28 -7.23 -8.81 -1.73
C GLN B 28 -5.85 -9.38 -1.45
N GLU B 29 -5.70 -10.68 -1.61
CA GLU B 29 -4.44 -11.34 -1.34
C GLU B 29 -3.33 -10.83 -2.30
N ARG B 30 -3.67 -10.61 -3.56
CA ARG B 30 -2.76 -10.06 -4.57
C ARG B 30 -2.30 -8.64 -4.20
N LEU B 31 -3.25 -7.81 -3.76
CA LEU B 31 -2.94 -6.43 -3.36
C LEU B 31 -2.11 -6.44 -2.08
N LEU B 32 -2.40 -7.37 -1.16
CA LEU B 32 -1.57 -7.50 0.04
C LEU B 32 -0.13 -7.89 -0.27
N LEU B 33 0.04 -8.85 -1.18
CA LEU B 33 1.37 -9.30 -1.59
C LEU B 33 2.11 -8.15 -2.23
N SER B 34 1.37 -7.34 -2.99
CA SER B 34 1.91 -6.19 -3.73
C SER B 34 2.39 -5.12 -2.75
N TYR B 35 1.54 -4.77 -1.80
CA TYR B 35 1.99 -3.80 -0.78
C TYR B 35 3.14 -4.36 0.07
N ALA B 36 3.06 -5.66 0.37
CA ALA B 36 4.18 -6.30 1.12
C ALA B 36 5.48 -6.19 0.38
N ALA B 37 5.44 -6.36 -0.95
CA ALA B 37 6.61 -6.15 -1.78
C ALA B 37 7.08 -4.69 -1.74
N GLU B 38 6.14 -3.74 -1.73
CA GLU B 38 6.53 -2.35 -1.67
C GLU B 38 7.24 -2.12 -0.34
N LEU B 39 6.72 -2.71 0.72
CA LEU B 39 7.29 -2.49 2.05
C LEU B 39 8.68 -3.13 2.14
N ALA B 40 8.84 -4.34 1.57
CA ALA B 40 10.11 -5.04 1.59
C ALA B 40 11.13 -4.23 0.79
N ARG B 41 10.70 -3.67 -0.34
CA ARG B 41 11.59 -2.79 -1.11
C ARG B 41 12.07 -1.57 -0.35
N ARG B 42 11.16 -0.97 0.43
CA ARG B 42 11.48 0.15 1.29
C ARG B 42 12.52 -0.28 2.36
N ARG B 43 12.34 -1.48 2.91
CA ARG B 43 13.26 -1.98 3.92
C ARG B 43 14.64 -2.20 3.33
N ARG B 44 14.70 -2.86 2.17
CA ARG B 44 15.95 -3.06 1.52
C ARG B 44 16.62 -1.74 1.16
N ALA B 45 15.81 -0.78 0.70
CA ALA B 45 16.32 0.54 0.27
C ALA B 45 16.89 1.39 1.42
N ARG B 46 16.57 1.05 2.66
CA ARG B 46 17.16 1.68 3.82
C ARG B 46 18.27 0.84 4.46
N GLY B 47 18.59 -0.29 3.82
CA GLY B 47 19.79 -1.04 4.15
C GLY B 47 19.57 -2.39 4.78
N LEU B 48 18.31 -2.80 4.96
CA LEU B 48 18.08 -4.08 5.56
C LEU B 48 18.31 -5.19 4.56
N ARG B 49 18.82 -6.33 5.02
CA ARG B 49 18.71 -7.56 4.21
C ARG B 49 17.35 -8.21 4.45
N LEU B 50 16.72 -8.64 3.37
CA LEU B 50 15.34 -9.13 3.47
C LEU B 50 15.28 -10.54 4.06
N ASN B 51 14.23 -10.83 4.79
CA ASN B 51 14.00 -12.18 5.30
C ASN B 51 13.25 -12.98 4.25
N HIS B 52 12.89 -14.21 4.59
CA HIS B 52 12.31 -15.12 3.58
C HIS B 52 10.99 -14.62 3.03
N PRO B 53 10.01 -14.29 3.89
CA PRO B 53 8.76 -13.79 3.31
C PRO B 53 8.90 -12.48 2.55
N GLU B 54 9.77 -11.59 3.01
CA GLU B 54 10.04 -10.37 2.24
C GLU B 54 10.60 -10.67 0.85
N ALA B 55 11.54 -11.59 0.76
CA ALA B 55 12.14 -11.91 -0.53
C ALA B 55 11.13 -12.51 -1.50
N ILE B 56 10.30 -13.42 -1.01
CA ILE B 56 9.16 -13.96 -1.75
C ILE B 56 8.28 -12.84 -2.27
N ALA B 57 7.88 -11.89 -1.39
CA ALA B 57 7.04 -10.80 -1.89
C ALA B 57 7.69 -10.03 -3.02
N VAL B 58 8.97 -9.73 -2.89
CA VAL B 58 9.63 -8.94 -3.88
C VAL B 58 9.72 -9.67 -5.22
N ILE B 59 10.01 -10.95 -5.15
CA ILE B 59 10.16 -11.72 -6.40
C ILE B 59 8.76 -11.87 -7.00
N ALA B 60 7.79 -12.21 -6.16
CA ALA B 60 6.41 -12.34 -6.65
C ALA B 60 5.91 -11.08 -7.31
N ASP B 61 6.22 -9.93 -6.72
CA ASP B 61 5.80 -8.65 -7.27
C ASP B 61 6.47 -8.33 -8.60
N HIS B 62 7.73 -8.73 -8.76
CA HIS B 62 8.42 -8.56 -10.02
C HIS B 62 7.63 -9.33 -11.06
N ILE B 63 7.18 -10.53 -10.70
CA ILE B 63 6.45 -11.37 -11.64
C ILE B 63 5.11 -10.73 -11.98
N LEU B 64 4.40 -10.30 -10.95
CA LEU B 64 3.08 -9.76 -11.13
C LEU B 64 3.12 -8.52 -12.03
N GLU B 65 4.03 -7.62 -11.73
CA GLU B 65 4.14 -6.38 -12.49
C GLU B 65 4.68 -6.63 -13.89
N GLY B 66 5.65 -7.55 -13.99
CA GLY B 66 6.17 -7.95 -15.31
C GLY B 66 5.09 -8.50 -16.22
N ALA B 67 4.23 -9.35 -15.68
CA ALA B 67 3.06 -9.86 -16.41
C ALA B 67 2.11 -8.76 -16.84
N ARG B 68 1.90 -7.80 -15.94
CA ARG B 68 1.06 -6.63 -16.24
C ARG B 68 1.63 -5.81 -17.41
N ASP B 69 2.97 -5.73 -17.48
CA ASP B 69 3.68 -5.08 -18.61
C ASP B 69 3.59 -5.81 -19.93
N GLY B 70 3.23 -7.09 -19.89
CA GLY B 70 3.14 -7.91 -21.09
C GLY B 70 4.39 -8.75 -21.33
N ARG B 71 5.29 -8.81 -20.34
CA ARG B 71 6.42 -9.73 -20.42
C ARG B 71 5.84 -11.14 -20.53
N THR B 72 6.62 -12.08 -21.03
CA THR B 72 6.15 -13.46 -21.18
C THR B 72 6.54 -14.27 -19.94
N VAL B 73 5.92 -15.43 -19.78
CA VAL B 73 6.31 -16.32 -18.69
C VAL B 73 7.82 -16.64 -18.70
N ALA B 74 8.35 -16.90 -19.91
CA ALA B 74 9.74 -17.31 -20.05
C ALA B 74 10.67 -16.18 -19.65
N GLU B 75 10.33 -14.96 -20.04
CA GLU B 75 11.09 -13.79 -19.64
C GLU B 75 11.13 -13.65 -18.12
N LEU B 76 9.98 -13.82 -17.49
CA LEU B 76 9.84 -13.66 -16.03
C LEU B 76 10.53 -14.78 -15.24
N MET B 77 10.53 -15.98 -15.82
CA MET B 77 11.22 -17.08 -15.20
C MET B 77 12.71 -16.77 -15.09
N ALA B 78 13.27 -16.10 -16.10
CA ALA B 78 14.67 -15.67 -16.04
C ALA B 78 14.91 -14.38 -15.26
N SER B 79 14.13 -13.35 -15.51
CA SER B 79 14.39 -12.07 -14.84
C SER B 79 14.06 -12.13 -13.34
N GLY B 80 13.09 -12.98 -12.97
CA GLY B 80 12.78 -13.20 -11.54
C GLY B 80 13.97 -13.77 -10.74
N ARG B 81 14.93 -14.37 -11.46
CA ARG B 81 16.17 -14.86 -10.87
C ARG B 81 17.23 -13.76 -10.73
N GLU B 82 16.95 -12.55 -11.25
CA GLU B 82 17.93 -11.46 -11.23
C GLU B 82 17.54 -10.29 -10.34
N VAL B 83 16.51 -10.50 -9.53
CA VAL B 83 15.92 -9.42 -8.74
C VAL B 83 16.69 -9.26 -7.43
N LEU B 84 16.95 -10.36 -6.74
CA LEU B 84 17.64 -10.34 -5.47
C LEU B 84 18.84 -11.26 -5.51
N GLY B 85 19.94 -10.83 -4.93
CA GLY B 85 21.11 -11.68 -4.86
C GLY B 85 21.38 -12.03 -3.42
N ARG B 86 22.42 -12.84 -3.17
CA ARG B 86 22.73 -13.25 -1.80
C ARG B 86 22.93 -12.11 -0.85
N ASP B 87 23.51 -11.02 -1.35
CA ASP B 87 23.78 -9.81 -0.57
C ASP B 87 22.54 -9.05 -0.11
N ASP B 88 21.40 -9.34 -0.76
CA ASP B 88 20.14 -8.63 -0.50
C ASP B 88 19.29 -9.29 0.58
N VAL B 89 19.61 -10.52 0.96
CA VAL B 89 18.77 -11.29 1.86
C VAL B 89 19.60 -11.81 3.03
N MET B 90 18.91 -12.13 4.12
CA MET B 90 19.58 -12.66 5.29
C MET B 90 20.23 -13.99 5.02
N GLU B 91 21.18 -14.33 5.88
CA GLU B 91 21.82 -15.63 5.86
C GLU B 91 20.76 -16.74 5.89
N GLY B 92 20.95 -17.78 5.09
CA GLY B 92 19.99 -18.86 5.02
C GLY B 92 18.85 -18.67 4.03
N VAL B 93 18.56 -17.43 3.68
CA VAL B 93 17.44 -17.17 2.77
C VAL B 93 17.62 -17.78 1.38
N PRO B 94 18.81 -17.63 0.77
CA PRO B 94 18.86 -18.22 -0.58
C PRO B 94 18.64 -19.73 -0.58
N GLU B 95 19.08 -20.40 0.48
CA GLU B 95 18.94 -21.86 0.62
C GLU B 95 17.50 -22.29 0.89
N MET B 96 16.76 -21.48 1.64
CA MET B 96 15.35 -21.74 1.94
C MET B 96 14.42 -21.40 0.78
N LEU B 97 14.84 -20.50 -0.11
CA LEU B 97 13.97 -20.08 -1.19
C LEU B 97 14.20 -20.87 -2.47
N ALA B 98 13.62 -22.06 -2.51
CA ALA B 98 13.80 -22.97 -3.64
C ALA B 98 13.14 -22.48 -4.91
N GLU B 99 12.01 -21.81 -4.77
CA GLU B 99 11.27 -21.32 -5.93
C GLU B 99 10.21 -20.37 -5.43
N VAL B 100 9.69 -19.53 -6.32
CA VAL B 100 8.55 -18.69 -5.98
C VAL B 100 7.55 -19.04 -7.04
N GLN B 101 6.32 -19.33 -6.64
CA GLN B 101 5.24 -19.64 -7.58
C GLN B 101 4.11 -18.65 -7.41
N VAL B 102 3.70 -18.00 -8.50
CA VAL B 102 2.64 -16.99 -8.38
C VAL B 102 1.76 -17.02 -9.62
N GLU B 103 0.47 -16.83 -9.40
CA GLU B 103 -0.47 -16.69 -10.50
C GLU B 103 -0.40 -15.25 -10.95
N ALA B 104 0.07 -15.00 -12.15
CA ALA B 104 0.09 -13.62 -12.64
C ALA B 104 -0.93 -13.47 -13.76
N THR B 105 -1.39 -12.24 -13.98
CA THR B 105 -2.30 -12.00 -15.09
C THR B 105 -1.57 -11.48 -16.31
N PHE B 106 -1.64 -12.25 -17.39
CA PHE B 106 -1.04 -11.84 -18.65
C PHE B 106 -2.11 -11.30 -19.59
N PRO B 107 -1.71 -10.68 -20.73
CA PRO B 107 -2.64 -10.32 -21.82
C PRO B 107 -3.54 -11.49 -22.19
N ASP B 108 -2.93 -12.65 -22.44
CA ASP B 108 -3.67 -13.88 -22.77
C ASP B 108 -4.11 -14.72 -21.57
N GLY B 109 -4.56 -14.08 -20.48
CA GLY B 109 -5.09 -14.77 -19.30
C GLY B 109 -4.12 -14.98 -18.15
N THR B 110 -4.61 -15.64 -17.10
CA THR B 110 -3.82 -15.89 -15.90
C THR B 110 -3.00 -17.16 -16.07
N LYS B 111 -1.74 -17.10 -15.65
CA LYS B 111 -0.83 -18.22 -15.72
C LYS B 111 -0.06 -18.33 -14.43
N LEU B 112 0.26 -19.57 -14.04
CA LEU B 112 1.16 -19.81 -12.92
C LEU B 112 2.59 -19.66 -13.43
N VAL B 113 3.34 -18.79 -12.78
CA VAL B 113 4.76 -18.60 -13.11
C VAL B 113 5.57 -19.17 -11.98
N THR B 114 6.56 -20.00 -12.33
CA THR B 114 7.49 -20.52 -11.35
C THR B 114 8.86 -19.98 -11.64
N VAL B 115 9.39 -19.23 -10.69
CA VAL B 115 10.77 -18.81 -10.75
C VAL B 115 11.57 -19.80 -9.90
N HIS B 116 12.50 -20.49 -10.51
CA HIS B 116 13.26 -21.48 -9.78
C HIS B 116 14.51 -20.85 -9.21
N GLN B 117 14.83 -21.19 -7.96
CA GLN B 117 16.09 -20.79 -7.31
C GLN B 117 16.44 -19.32 -7.57
N PRO B 118 15.49 -18.41 -7.23
CA PRO B 118 15.58 -17.00 -7.62
C PRO B 118 16.80 -16.27 -7.05
N ILE B 119 17.40 -16.77 -5.97
CA ILE B 119 18.55 -16.07 -5.34
C ILE B 119 19.90 -16.71 -5.61
N ALA B 120 20.11 -17.96 -5.23
CA ALA B 120 21.37 -18.65 -5.59
C ALA B 120 21.49 -18.87 -7.10
N ARG C 22 -6.02 -0.95 15.78
CA ARG C 22 -7.01 -1.97 15.32
C ARG C 22 -7.80 -1.47 14.12
N LEU C 23 -7.83 -2.24 13.03
CA LEU C 23 -8.57 -1.86 11.82
C LEU C 23 -9.70 -2.85 11.54
N THR C 24 -10.90 -2.31 11.32
CA THR C 24 -12.09 -3.10 10.99
C THR C 24 -11.95 -3.73 9.58
N PRO C 25 -12.59 -4.89 9.35
CA PRO C 25 -12.47 -5.60 8.04
C PRO C 25 -12.85 -4.71 6.85
N HIS C 26 -13.68 -3.71 7.11
CA HIS C 26 -14.11 -2.75 6.13
C HIS C 26 -13.09 -1.63 5.95
N GLU C 27 -12.49 -1.19 7.06
CA GLU C 27 -11.43 -0.19 7.02
C GLU C 27 -10.31 -0.74 6.16
N GLN C 28 -10.07 -2.04 6.33
CA GLN C 28 -9.07 -2.79 5.60
C GLN C 28 -9.40 -2.88 4.12
N GLU C 29 -10.68 -3.06 3.83
CA GLU C 29 -11.21 -2.94 2.48
C GLU C 29 -10.91 -1.58 1.82
N ARG C 30 -11.23 -0.52 2.54
CA ARG C 30 -10.97 0.85 2.04
C ARG C 30 -9.47 1.10 1.79
N LEU C 31 -8.65 0.65 2.73
CA LEU C 31 -7.22 0.84 2.55
C LEU C 31 -6.74 0.00 1.39
N LEU C 32 -7.28 -1.21 1.24
CA LEU C 32 -6.88 -2.04 0.06
C LEU C 32 -7.21 -1.40 -1.27
N LEU C 33 -8.35 -0.76 -1.31
CA LEU C 33 -8.72 -0.11 -2.54
C LEU C 33 -7.91 1.18 -2.75
N SER C 34 -7.48 1.84 -1.67
CA SER C 34 -6.58 2.97 -1.78
C SER C 34 -5.22 2.50 -2.34
N TYR C 35 -4.72 1.39 -1.79
CA TYR C 35 -3.45 0.85 -2.31
C TYR C 35 -3.58 0.43 -3.80
N ALA C 36 -4.73 -0.14 -4.17
CA ALA C 36 -4.93 -0.54 -5.58
C ALA C 36 -4.81 0.63 -6.51
N ALA C 37 -5.29 1.81 -6.07
CA ALA C 37 -5.19 3.05 -6.82
C ALA C 37 -3.73 3.48 -6.87
N GLU C 38 -3.00 3.30 -5.77
CA GLU C 38 -1.57 3.63 -5.80
C GLU C 38 -0.82 2.77 -6.85
N LEU C 39 -1.05 1.47 -6.84
CA LEU C 39 -0.48 0.54 -7.82
C LEU C 39 -0.90 0.92 -9.26
N ALA C 40 -2.19 1.18 -9.48
CA ALA C 40 -2.66 1.74 -10.77
C ALA C 40 -1.90 3.01 -11.20
N ARG C 41 -1.78 3.98 -10.30
CA ARG C 41 -1.03 5.20 -10.65
C ARG C 41 0.42 4.90 -10.92
N ARG C 42 1.00 3.95 -10.19
CA ARG C 42 2.34 3.44 -10.46
C ARG C 42 2.42 2.83 -11.87
N ARG C 43 1.40 2.09 -12.28
CA ARG C 43 1.43 1.48 -13.63
C ARG C 43 1.27 2.54 -14.71
N ARG C 44 0.35 3.47 -14.48
CA ARG C 44 0.18 4.59 -15.40
C ARG C 44 1.47 5.41 -15.54
N ALA C 45 2.18 5.59 -14.43
CA ALA C 45 3.45 6.32 -14.42
C ALA C 45 4.50 5.59 -15.22
N ARG C 46 4.25 4.30 -15.43
CA ARG C 46 5.19 3.39 -16.06
C ARG C 46 4.88 3.29 -17.57
N GLY C 47 3.91 4.09 -17.99
CA GLY C 47 3.51 4.20 -19.39
C GLY C 47 2.36 3.30 -19.78
N LEU C 48 1.81 2.56 -18.82
CA LEU C 48 0.74 1.62 -19.15
C LEU C 48 -0.59 2.32 -19.21
N ARG C 49 -1.37 2.02 -20.24
CA ARG C 49 -2.77 2.47 -20.27
C ARG C 49 -3.56 1.58 -19.33
N LEU C 50 -4.33 2.20 -18.45
CA LEU C 50 -5.07 1.47 -17.44
C LEU C 50 -6.27 0.65 -17.96
N ASN C 51 -6.48 -0.55 -17.40
CA ASN C 51 -7.71 -1.27 -17.65
C ASN C 51 -8.91 -0.75 -16.81
N HIS C 52 -10.05 -1.43 -16.93
CA HIS C 52 -11.31 -0.99 -16.29
C HIS C 52 -11.19 -0.85 -14.76
N PRO C 53 -10.91 -1.96 -14.05
CA PRO C 53 -10.72 -1.87 -12.58
C PRO C 53 -9.63 -0.88 -12.10
N GLU C 54 -8.50 -0.83 -12.79
CA GLU C 54 -7.43 0.13 -12.49
C GLU C 54 -7.95 1.58 -12.59
N ALA C 55 -8.67 1.86 -13.68
CA ALA C 55 -9.23 3.20 -13.90
C ALA C 55 -10.21 3.57 -12.79
N ILE C 56 -11.03 2.60 -12.42
CA ILE C 56 -12.01 2.84 -11.37
C ILE C 56 -11.30 3.19 -10.09
N ALA C 57 -10.27 2.42 -9.77
CA ALA C 57 -9.52 2.62 -8.54
C ALA C 57 -8.92 4.03 -8.50
N VAL C 58 -8.40 4.49 -9.62
CA VAL C 58 -7.80 5.83 -9.68
C VAL C 58 -8.81 6.95 -9.48
N ILE C 59 -9.96 6.83 -10.13
CA ILE C 59 -10.99 7.83 -10.01
C ILE C 59 -11.55 7.75 -8.61
N ALA C 60 -11.78 6.55 -8.10
CA ALA C 60 -12.27 6.40 -6.72
C ALA C 60 -11.34 7.07 -5.72
N ASP C 61 -10.06 6.85 -5.89
CA ASP C 61 -9.13 7.42 -5.00
C ASP C 61 -9.08 8.94 -5.07
N HIS C 62 -9.24 9.48 -6.27
CA HIS C 62 -9.28 10.91 -6.44
C HIS C 62 -10.40 11.50 -5.59
N ILE C 63 -11.55 10.83 -5.60
CA ILE C 63 -12.68 11.29 -4.82
C ILE C 63 -12.37 11.22 -3.35
N LEU C 64 -11.81 10.10 -2.88
CA LEU C 64 -11.60 9.90 -1.45
C LEU C 64 -10.55 10.91 -0.93
N GLU C 65 -9.50 11.11 -1.73
CA GLU C 65 -8.44 12.03 -1.35
C GLU C 65 -8.91 13.48 -1.45
N GLY C 66 -9.74 13.81 -2.43
CA GLY C 66 -10.27 15.20 -2.51
C GLY C 66 -11.22 15.48 -1.35
N ALA C 67 -12.00 14.48 -0.94
CA ALA C 67 -12.89 14.67 0.22
C ALA C 67 -12.06 14.91 1.49
N ARG C 68 -11.01 14.11 1.63
CA ARG C 68 -10.06 14.28 2.76
C ARG C 68 -9.42 15.70 2.73
N ASP C 69 -9.16 16.23 1.53
CA ASP C 69 -8.61 17.58 1.37
C ASP C 69 -9.59 18.65 1.73
N GLY C 70 -10.88 18.33 1.78
CA GLY C 70 -11.86 19.33 2.14
C GLY C 70 -12.67 19.80 0.97
N ARG C 71 -12.63 19.06 -0.12
CA ARG C 71 -13.43 19.41 -1.33
C ARG C 71 -14.92 19.12 -1.13
N THR C 72 -15.79 19.85 -1.85
CA THR C 72 -17.21 19.58 -1.79
C THR C 72 -17.59 18.46 -2.76
N VAL C 73 -18.76 17.87 -2.53
CA VAL C 73 -19.28 16.82 -3.40
C VAL C 73 -19.33 17.44 -4.79
N ALA C 74 -19.79 18.69 -4.90
CA ALA C 74 -19.95 19.31 -6.25
C ALA C 74 -18.58 19.43 -6.93
N GLU C 75 -17.57 19.83 -6.17
CA GLU C 75 -16.22 19.96 -6.72
C GLU C 75 -15.69 18.61 -7.15
N LEU C 76 -15.95 17.58 -6.35
CA LEU C 76 -15.42 16.25 -6.68
C LEU C 76 -16.13 15.61 -7.85
N MET C 77 -17.42 15.87 -8.04
CA MET C 77 -18.06 15.35 -9.25
C MET C 77 -17.42 15.91 -10.52
N ALA C 78 -16.88 17.13 -10.43
CA ALA C 78 -16.29 17.84 -11.55
C ALA C 78 -14.86 17.36 -11.75
N SER C 79 -14.08 17.44 -10.68
CA SER C 79 -12.64 17.16 -10.77
C SER C 79 -12.40 15.69 -11.10
N GLY C 80 -13.31 14.85 -10.65
CA GLY C 80 -13.34 13.42 -10.96
C GLY C 80 -13.36 13.13 -12.47
N ARG C 81 -13.76 14.12 -13.25
CA ARG C 81 -13.91 13.89 -14.69
C ARG C 81 -12.65 14.36 -15.43
N GLU C 82 -11.65 14.80 -14.67
CA GLU C 82 -10.41 15.29 -15.23
C GLU C 82 -9.17 14.55 -14.75
N VAL C 83 -9.37 13.38 -14.16
CA VAL C 83 -8.28 12.55 -13.64
C VAL C 83 -7.64 11.73 -14.75
N LEU C 84 -8.46 11.03 -15.53
CA LEU C 84 -8.01 10.19 -16.64
C LEU C 84 -8.74 10.55 -17.91
N GLY C 85 -7.99 10.62 -19.00
CA GLY C 85 -8.57 10.80 -20.34
C GLY C 85 -8.52 9.51 -21.13
N ARG C 86 -8.99 9.55 -22.37
CA ARG C 86 -9.00 8.36 -23.19
C ARG C 86 -7.60 7.83 -23.40
N ASP C 87 -6.63 8.74 -23.48
CA ASP C 87 -5.24 8.32 -23.68
C ASP C 87 -4.67 7.53 -22.50
N ASP C 88 -5.26 7.70 -21.32
CA ASP C 88 -4.71 7.10 -20.11
C ASP C 88 -5.20 5.69 -19.89
N VAL C 89 -6.22 5.29 -20.65
CA VAL C 89 -6.87 4.01 -20.40
C VAL C 89 -6.90 3.16 -21.66
N MET C 90 -7.11 1.87 -21.49
CA MET C 90 -7.21 1.00 -22.64
C MET C 90 -8.37 1.37 -23.55
N GLU C 91 -8.22 1.06 -24.83
CA GLU C 91 -9.32 1.22 -25.78
C GLU C 91 -10.54 0.46 -25.22
N GLY C 92 -11.70 1.10 -25.23
CA GLY C 92 -12.93 0.45 -24.74
C GLY C 92 -13.34 0.85 -23.33
N VAL C 93 -12.34 1.11 -22.48
CA VAL C 93 -12.58 1.53 -21.09
C VAL C 93 -13.47 2.77 -20.95
N PRO C 94 -13.22 3.85 -21.71
CA PRO C 94 -14.03 5.05 -21.46
C PRO C 94 -15.53 4.84 -21.62
N GLU C 95 -15.93 3.89 -22.48
CA GLU C 95 -17.33 3.52 -22.65
C GLU C 95 -17.83 2.46 -21.63
N MET C 96 -16.91 1.74 -21.01
CA MET C 96 -17.26 0.81 -19.94
C MET C 96 -17.52 1.55 -18.63
N LEU C 97 -16.91 2.73 -18.47
CA LEU C 97 -16.99 3.50 -17.23
C LEU C 97 -18.11 4.53 -17.26
N ALA C 98 -19.34 4.11 -17.02
CA ALA C 98 -20.45 5.07 -17.00
C ALA C 98 -20.40 5.95 -15.79
N GLU C 99 -20.01 5.37 -14.65
CA GLU C 99 -19.92 6.07 -13.38
C GLU C 99 -18.98 5.40 -12.42
N VAL C 100 -18.52 6.16 -11.45
CA VAL C 100 -17.71 5.69 -10.33
C VAL C 100 -18.37 6.24 -9.08
N GLN C 101 -18.67 5.36 -8.14
CA GLN C 101 -19.29 5.83 -6.89
C GLN C 101 -18.45 5.46 -5.68
N VAL C 102 -18.29 6.43 -4.81
CA VAL C 102 -17.43 6.28 -3.67
C VAL C 102 -18.21 6.86 -2.52
N GLU C 103 -18.31 6.10 -1.43
CA GLU C 103 -18.78 6.64 -0.15
C GLU C 103 -17.60 7.38 0.42
N ALA C 104 -17.76 8.69 0.64
CA ALA C 104 -16.65 9.48 1.13
C ALA C 104 -17.12 10.21 2.36
N THR C 105 -16.20 10.41 3.30
CA THR C 105 -16.52 11.12 4.54
C THR C 105 -16.31 12.63 4.42
N PHE C 106 -17.39 13.36 4.69
CA PHE C 106 -17.37 14.80 4.70
C PHE C 106 -17.68 15.27 6.14
N PRO C 107 -17.31 16.52 6.50
CA PRO C 107 -17.65 17.01 7.86
C PRO C 107 -19.17 16.91 8.08
N ASP C 108 -19.91 17.14 7.00
CA ASP C 108 -21.35 17.02 6.87
C ASP C 108 -21.88 15.58 7.08
N GLY C 109 -21.01 14.60 6.87
CA GLY C 109 -21.36 13.17 7.00
C GLY C 109 -20.75 12.32 5.87
N THR C 110 -21.01 11.01 5.88
CA THR C 110 -20.73 10.11 4.76
C THR C 110 -21.75 10.32 3.61
N LYS C 111 -21.24 10.53 2.40
CA LYS C 111 -22.10 10.71 1.22
C LYS C 111 -21.59 9.86 0.09
N LEU C 112 -22.51 9.33 -0.71
CA LEU C 112 -22.08 8.65 -1.93
C LEU C 112 -21.86 9.70 -3.00
N VAL C 113 -20.61 9.76 -3.49
CA VAL C 113 -20.24 10.70 -4.51
C VAL C 113 -20.20 9.95 -5.79
N THR C 114 -20.91 10.47 -6.77
CA THR C 114 -20.90 9.85 -8.09
C THR C 114 -20.19 10.75 -9.09
N VAL C 115 -19.18 10.19 -9.72
CA VAL C 115 -18.59 10.78 -10.90
C VAL C 115 -19.16 10.10 -12.12
N HIS C 116 -19.87 10.88 -12.92
CA HIS C 116 -20.49 10.42 -14.18
C HIS C 116 -19.51 10.55 -15.35
N GLN C 117 -19.51 9.54 -16.21
CA GLN C 117 -18.65 9.51 -17.41
C GLN C 117 -17.28 10.11 -17.14
N PRO C 118 -16.51 9.55 -16.17
CA PRO C 118 -15.26 10.13 -15.73
C PRO C 118 -14.22 10.28 -16.83
N ILE C 119 -14.25 9.43 -17.87
CA ILE C 119 -13.24 9.53 -18.93
C ILE C 119 -13.81 10.31 -20.07
N ALA C 120 -13.70 11.62 -19.96
CA ALA C 120 -14.41 12.57 -20.79
C ALA C 120 -14.25 13.91 -20.12
#